data_1CL7
#
_entry.id   1CL7
#
_cell.length_a   46.400
_cell.length_b   58.800
_cell.length_c   143.000
_cell.angle_alpha   90.00
_cell.angle_beta   90.00
_cell.angle_gamma   90.00
#
_symmetry.space_group_name_H-M   'P 21 21 21'
#
loop_
_entity.id
_entity.type
_entity.pdbx_description
1 polymer 'PROTEIN (IGG1 ANTIBODY 1696 (light chain))'
2 polymer 'PROTEIN (IGG1 ANTIBODY 1696 (variable heavy chain))'
3 polymer 'PROTEIN (IGG1 ANTIBODY 1696 (constant heavy chain))'
#
loop_
_entity_poly.entity_id
_entity_poly.type
_entity_poly.pdbx_seq_one_letter_code
_entity_poly.pdbx_strand_id
1 'polypeptide(L)'
;DVLMTQTPLYLPVSLGDQASISCRSSQTIVHNNGNTYLEWYLQKPGQSPQLLIYKVSNRFSGVPDRFSGSGSGTDFTLKI
SRVEAEDLGIYYCFQGSHFPPTFGGGTKLEIKRADAAPTVSIFPPSSEQLTSGGASVVCFLNNFYPKDINVKWKIDGSER
QNGVLNSWTDQDSKDSTYSMSSTLTLTKDEYERHNSYTCEATHKTSTSPIVKSFNR
;
L
2 'polypeptide(L)'
;QIQLQQSGPELKKPGETVKISCKATNYAFTDYSMHWVKQAPGGDLKYVGWINTETDEPTFADDFKGRFAFSLDTSTSTAF
LQINNLKNEDTATYFCVRDRHDYGEIFTYWGQGTTVTVSSAKTTPPSVYPLAPGS
;
H
3 'polypeptide(L)'
;SMVTLGCLVKGYFPEPVTVTWNSGSLSSGVHTFPAVLQSDLYTLSSSVTVPSSPRPSETVTCNVAHPASSTKVDKKIVPR
DC
;
I
#
# COMPACT_ATOMS: atom_id res chain seq x y z
N ASP A 1 -6.12 -19.88 18.34
CA ASP A 1 -5.81 -18.72 17.46
C ASP A 1 -5.61 -17.47 18.30
N VAL A 2 -4.35 -17.07 18.45
CA VAL A 2 -4.01 -15.88 19.24
C VAL A 2 -4.05 -14.58 18.44
N LEU A 3 -5.09 -13.80 18.66
CA LEU A 3 -5.22 -12.55 17.95
C LEU A 3 -4.19 -11.55 18.50
N MET A 4 -3.28 -11.12 17.63
CA MET A 4 -2.28 -10.14 18.01
C MET A 4 -2.97 -8.82 17.77
N THR A 5 -2.85 -7.94 18.76
CA THR A 5 -3.44 -6.61 18.80
C THR A 5 -2.33 -5.63 19.12
N GLN A 6 -2.18 -4.60 18.30
CA GLN A 6 -1.14 -3.57 18.50
C GLN A 6 -1.69 -2.14 18.63
N THR A 7 -0.90 -1.33 19.32
CA THR A 7 -1.26 0.04 19.63
C THR A 7 -0.05 0.92 19.78
N PRO A 8 -0.07 2.09 19.11
CA PRO A 8 -1.19 2.53 18.26
C PRO A 8 -1.11 2.13 16.79
N LEU A 9 -2.19 2.34 16.05
CA LEU A 9 -2.23 2.00 14.63
C LEU A 9 -1.17 2.87 13.94
N TYR A 10 -1.13 4.14 14.35
CA TYR A 10 -0.19 5.09 13.80
C TYR A 10 0.53 5.78 14.94
N LEU A 11 1.85 5.86 14.83
CA LEU A 11 2.65 6.53 15.84
C LEU A 11 3.64 7.45 15.14
N PRO A 12 3.40 8.79 15.21
CA PRO A 12 4.24 9.85 14.64
C PRO A 12 5.06 10.41 15.77
N VAL A 13 6.32 10.74 15.49
CA VAL A 13 7.23 11.30 16.48
C VAL A 13 8.30 12.12 15.79
N SER A 14 9.11 12.82 16.57
CA SER A 14 10.18 13.58 15.99
C SER A 14 11.41 12.70 15.89
N LEU A 15 12.42 13.18 15.21
CA LEU A 15 13.61 12.38 15.10
C LEU A 15 14.28 12.40 16.49
N GLY A 16 15.01 11.35 16.82
CA GLY A 16 15.64 11.30 18.13
C GLY A 16 14.69 11.15 19.31
N ASP A 17 13.40 10.88 19.06
CA ASP A 17 12.44 10.71 20.13
C ASP A 17 12.31 9.26 20.48
N GLN A 18 11.83 8.99 21.70
CA GLN A 18 11.62 7.60 22.10
C GLN A 18 10.20 7.16 21.76
N ALA A 19 10.09 5.94 21.29
CA ALA A 19 8.82 5.36 20.90
C ALA A 19 8.64 4.08 21.67
N SER A 20 7.40 3.81 22.06
CA SER A 20 7.09 2.60 22.77
C SER A 20 5.80 2.11 22.16
N ILE A 21 5.94 1.10 21.31
CA ILE A 21 4.80 0.47 20.62
C ILE A 21 4.45 -0.76 21.46
N SER A 22 3.17 -1.12 21.53
CA SER A 22 2.79 -2.28 22.32
C SER A 22 1.91 -3.31 21.61
N CYS A 23 2.09 -4.57 22.01
CA CYS A 23 1.36 -5.74 21.49
C CYS A 23 0.54 -6.39 22.63
N ARG A 24 -0.60 -7.00 22.30
CA ARG A 24 -1.44 -7.64 23.33
C ARG A 24 -1.79 -8.99 22.77
N SER A 25 -1.84 -10.00 23.65
CA SER A 25 -2.16 -11.40 23.29
C SER A 25 -3.50 -11.90 23.86
N SER A 26 -4.33 -12.48 23.00
CA SER A 26 -5.61 -12.98 23.44
C SER A 26 -5.38 -14.09 24.43
N GLN A 27 -4.37 -14.90 24.18
CA GLN A 27 -3.98 -15.99 25.05
C GLN A 27 -2.51 -15.71 25.37
N THR A 28 -2.00 -16.31 26.43
CA THR A 28 -0.61 -16.10 26.74
C THR A 28 0.11 -16.73 25.59
N ILE A 29 1.37 -16.36 25.42
CA ILE A 29 2.15 -16.95 24.34
C ILE A 29 3.40 -17.66 24.77
N VAL A 30 3.36 -18.40 25.89
CA VAL A 30 4.52 -19.17 26.33
C VAL A 30 4.38 -20.53 25.66
N HIS A 31 5.24 -20.83 24.69
CA HIS A 31 5.16 -22.12 24.02
C HIS A 31 5.60 -23.16 25.00
N ASN A 32 5.26 -24.42 24.70
CA ASN A 32 5.62 -25.59 25.52
C ASN A 32 7.09 -25.64 25.95
N ASN A 33 7.97 -25.37 25.00
CA ASN A 33 9.42 -25.34 25.24
C ASN A 33 9.81 -24.70 26.57
N GLY A 34 9.03 -23.70 26.98
CA GLY A 34 9.27 -22.95 28.21
C GLY A 34 9.72 -21.53 27.86
N ASN A 35 9.19 -21.01 26.75
CA ASN A 35 9.54 -19.68 26.28
C ASN A 35 8.48 -19.05 25.40
N THR A 36 8.33 -17.74 25.60
CA THR A 36 7.38 -16.89 24.91
C THR A 36 8.03 -16.53 23.58
N TYR A 37 7.27 -16.61 22.49
CA TYR A 37 7.85 -16.28 21.18
C TYR A 37 7.34 -15.00 20.52
N LEU A 38 7.42 -13.89 21.24
CA LEU A 38 7.01 -12.59 20.75
C LEU A 38 8.13 -12.08 19.85
N GLU A 39 7.76 -11.79 18.62
CA GLU A 39 8.71 -11.32 17.62
C GLU A 39 8.32 -9.96 17.06
N TRP A 40 9.30 -9.09 16.87
CA TRP A 40 9.05 -7.75 16.33
C TRP A 40 9.71 -7.63 14.97
N TYR A 41 8.90 -7.36 13.96
CA TYR A 41 9.37 -7.22 12.58
C TYR A 41 9.21 -5.77 12.18
N LEU A 42 10.03 -5.36 11.23
CA LEU A 42 9.99 -4.01 10.74
C LEU A 42 9.90 -4.11 9.23
N GLN A 43 8.78 -3.70 8.66
CA GLN A 43 8.69 -3.77 7.22
C GLN A 43 8.77 -2.36 6.69
N LYS A 44 9.67 -2.14 5.74
CA LYS A 44 9.83 -0.83 5.13
C LYS A 44 8.93 -0.82 3.89
N PRO A 45 8.96 0.26 3.09
CA PRO A 45 8.10 0.31 1.90
C PRO A 45 8.46 -0.68 0.79
N GLY A 46 7.52 -1.56 0.49
CA GLY A 46 7.71 -2.55 -0.56
C GLY A 46 8.81 -3.55 -0.23
N GLN A 47 8.97 -3.82 1.05
CA GLN A 47 10.00 -4.73 1.53
C GLN A 47 9.40 -5.85 2.41
N SER A 48 10.24 -6.83 2.78
CA SER A 48 9.83 -7.94 3.63
C SER A 48 10.17 -7.63 5.10
N PRO A 49 9.48 -8.26 6.07
CA PRO A 49 9.68 -8.07 7.51
C PRO A 49 11.05 -8.43 8.15
N GLN A 50 11.76 -7.42 8.62
CA GLN A 50 13.05 -7.59 9.28
C GLN A 50 12.84 -7.93 10.76
N LEU A 51 13.15 -9.16 11.16
CA LEU A 51 13.05 -9.53 12.58
C LEU A 51 13.90 -8.51 13.37
N LEU A 52 13.38 -8.00 14.46
CA LEU A 52 14.11 -7.03 15.24
C LEU A 52 14.42 -7.54 16.61
N ILE A 53 13.40 -8.14 17.25
CA ILE A 53 13.52 -8.71 18.59
C ILE A 53 12.94 -10.14 18.61
N TYR A 54 13.47 -10.98 19.48
CA TYR A 54 12.99 -12.35 19.58
C TYR A 54 12.91 -12.93 20.98
N LYS A 55 12.01 -13.90 21.09
CA LYS A 55 11.70 -14.59 22.34
C LYS A 55 11.42 -13.53 23.41
N VAL A 56 10.74 -12.46 23.00
CA VAL A 56 10.34 -11.32 23.84
C VAL A 56 11.34 -10.15 23.91
N SER A 57 12.60 -10.42 24.25
CA SER A 57 13.56 -9.33 24.36
C SER A 57 14.87 -9.46 23.58
N ASN A 58 15.12 -10.66 23.03
CA ASN A 58 16.34 -10.91 22.30
C ASN A 58 16.44 -10.23 20.94
N ARG A 59 16.93 -8.99 20.91
CA ARG A 59 17.14 -8.25 19.68
C ARG A 59 18.06 -9.10 18.79
N PHE A 60 17.61 -9.38 17.57
CA PHE A 60 18.35 -10.18 16.58
C PHE A 60 19.78 -9.70 16.23
N SER A 61 20.54 -10.52 15.52
CA SER A 61 21.91 -10.17 15.19
C SER A 61 21.98 -8.94 14.31
N GLY A 62 22.49 -7.83 14.85
CA GLY A 62 22.59 -6.60 14.06
C GLY A 62 21.62 -5.45 14.36
N VAL A 63 20.43 -5.76 14.84
CA VAL A 63 19.48 -4.70 15.16
C VAL A 63 20.13 -4.00 16.34
N PRO A 64 20.15 -2.67 16.32
CA PRO A 64 20.70 -1.77 17.32
C PRO A 64 20.17 -1.91 18.75
N ASP A 65 20.95 -1.33 19.64
CA ASP A 65 20.65 -1.33 21.07
C ASP A 65 19.39 -0.51 21.33
N ARG A 66 19.09 0.35 20.36
CA ARG A 66 17.96 1.24 20.39
C ARG A 66 16.68 0.43 20.49
N PHE A 67 16.63 -0.66 19.75
CA PHE A 67 15.44 -1.51 19.74
C PHE A 67 15.40 -2.49 20.90
N SER A 68 14.47 -2.26 21.83
CA SER A 68 14.31 -3.12 23.00
C SER A 68 12.92 -3.76 23.18
N GLY A 69 12.92 -5.07 23.39
CA GLY A 69 11.70 -5.81 23.64
C GLY A 69 11.51 -6.03 25.15
N SER A 70 10.27 -5.84 25.61
CA SER A 70 9.90 -6.01 27.02
C SER A 70 8.77 -7.01 27.01
N GLY A 71 8.20 -7.28 28.19
CA GLY A 71 7.07 -8.21 28.28
C GLY A 71 7.14 -9.41 29.22
N SER A 72 5.98 -10.05 29.39
CA SER A 72 5.78 -11.22 30.23
C SER A 72 4.30 -11.59 30.22
N GLY A 73 4.00 -12.71 29.56
CA GLY A 73 2.63 -13.20 29.47
C GLY A 73 1.98 -12.85 28.14
N THR A 74 0.98 -11.96 28.18
CA THR A 74 0.28 -11.50 26.99
C THR A 74 0.75 -10.11 26.57
N ASP A 75 1.19 -9.32 27.57
CA ASP A 75 1.64 -7.96 27.34
C ASP A 75 3.12 -7.79 27.09
N PHE A 76 3.44 -7.15 25.97
CA PHE A 76 4.82 -6.92 25.56
C PHE A 76 4.91 -5.53 24.99
N THR A 77 6.10 -4.94 25.03
CA THR A 77 6.31 -3.60 24.49
C THR A 77 7.69 -3.50 23.86
N LEU A 78 7.75 -3.01 22.62
CA LEU A 78 9.04 -2.84 21.96
C LEU A 78 9.28 -1.37 22.20
N LYS A 79 10.55 -0.93 22.24
CA LYS A 79 10.83 0.48 22.48
C LYS A 79 12.14 1.04 21.97
N ILE A 80 12.03 1.99 21.03
CA ILE A 80 13.19 2.67 20.43
C ILE A 80 13.57 3.80 21.40
N SER A 81 14.80 4.29 21.35
CA SER A 81 15.22 5.36 22.27
C SER A 81 15.72 6.65 21.60
N ARG A 82 16.13 6.54 20.33
CA ARG A 82 16.62 7.69 19.58
C ARG A 82 16.24 7.51 18.10
N VAL A 83 14.94 7.53 17.81
CA VAL A 83 14.45 7.34 16.45
C VAL A 83 15.28 7.99 15.34
N GLU A 84 15.95 7.15 14.57
CA GLU A 84 16.77 7.59 13.46
C GLU A 84 15.87 7.60 12.22
N ALA A 85 16.35 8.26 11.17
CA ALA A 85 15.60 8.41 9.90
C ALA A 85 15.32 7.14 9.09
N GLU A 86 15.52 5.96 9.67
CA GLU A 86 15.31 4.72 8.94
C GLU A 86 14.51 3.73 9.76
N ASP A 87 13.92 4.21 10.84
CA ASP A 87 13.16 3.34 11.70
C ASP A 87 11.71 3.35 11.26
N LEU A 88 11.38 4.29 10.38
CA LEU A 88 10.01 4.46 9.91
C LEU A 88 9.62 3.29 9.02
N GLY A 89 8.43 2.78 9.25
CA GLY A 89 7.93 1.66 8.48
C GLY A 89 6.82 1.14 9.35
N ILE A 90 6.27 -0.03 8.99
CA ILE A 90 5.19 -0.64 9.77
C ILE A 90 5.70 -1.75 10.67
N TYR A 91 5.74 -1.49 11.97
CA TYR A 91 6.19 -2.46 12.98
C TYR A 91 5.14 -3.53 13.20
N TYR A 92 5.57 -4.79 13.41
CA TYR A 92 4.67 -5.93 13.56
C TYR A 92 5.07 -6.94 14.63
N CYS A 93 4.20 -7.23 15.58
CA CYS A 93 4.56 -8.27 16.54
C CYS A 93 4.19 -9.62 15.91
N PHE A 94 4.72 -10.70 16.43
CA PHE A 94 4.47 -12.01 15.87
C PHE A 94 4.57 -12.94 17.04
N GLN A 95 4.33 -14.22 16.80
CA GLN A 95 4.46 -15.21 17.84
C GLN A 95 4.56 -16.58 17.19
N GLY A 96 5.54 -17.37 17.62
CA GLY A 96 5.74 -18.70 17.08
C GLY A 96 5.53 -19.77 18.13
N SER A 97 4.77 -19.40 19.15
CA SER A 97 4.48 -20.34 20.21
C SER A 97 3.34 -21.26 19.81
N HIS A 98 2.22 -20.72 19.35
CA HIS A 98 1.11 -21.59 18.98
C HIS A 98 0.90 -21.72 17.50
N PHE A 99 -0.22 -22.35 17.16
CA PHE A 99 -0.58 -22.53 15.77
C PHE A 99 -2.01 -22.07 15.65
N PRO A 100 -2.29 -21.22 14.64
CA PRO A 100 -1.25 -20.79 13.71
C PRO A 100 -0.62 -19.53 14.21
N PRO A 101 0.63 -19.29 13.79
CA PRO A 101 1.43 -18.11 14.15
C PRO A 101 0.68 -16.87 13.66
N THR A 102 0.28 -16.01 14.58
CA THR A 102 -0.44 -14.85 14.17
C THR A 102 0.48 -13.65 14.07
N PHE A 103 0.11 -12.68 13.22
CA PHE A 103 0.90 -11.46 13.02
C PHE A 103 0.14 -10.28 13.58
N GLY A 104 0.77 -9.46 14.42
CA GLY A 104 0.10 -8.29 14.99
C GLY A 104 -0.52 -7.36 13.95
N GLY A 105 -1.24 -6.34 14.43
CA GLY A 105 -1.90 -5.39 13.54
C GLY A 105 -1.04 -4.49 12.66
N GLY A 106 0.07 -4.00 13.22
CA GLY A 106 1.00 -3.14 12.53
C GLY A 106 0.91 -1.75 13.12
N THR A 107 2.02 -1.21 13.60
CA THR A 107 2.03 0.16 14.13
C THR A 107 2.88 0.94 13.17
N LYS A 108 2.28 1.88 12.44
CA LYS A 108 3.04 2.67 11.47
C LYS A 108 3.80 3.76 12.20
N LEU A 109 5.13 3.73 12.05
CA LEU A 109 6.02 4.68 12.69
C LEU A 109 6.32 5.81 11.72
N GLU A 110 5.75 7.01 11.96
CA GLU A 110 5.93 8.19 11.07
C GLU A 110 6.48 9.44 11.73
N ILE A 111 6.62 10.49 10.92
CA ILE A 111 7.12 11.79 11.36
C ILE A 111 5.96 12.69 11.82
N LYS A 112 6.26 13.59 12.76
CA LYS A 112 5.28 14.51 13.31
C LYS A 112 5.66 15.88 12.82
N ARG A 113 4.67 16.76 12.62
CA ARG A 113 4.95 18.11 12.16
C ARG A 113 3.85 19.12 12.53
N ALA A 114 4.00 20.34 12.06
CA ALA A 114 3.02 21.38 12.32
C ALA A 114 1.78 21.04 11.51
N ASP A 115 0.62 21.00 12.17
CA ASP A 115 -0.61 20.70 11.45
C ASP A 115 -0.78 21.83 10.45
N ALA A 116 -1.24 21.49 9.23
CA ALA A 116 -1.43 22.45 8.15
C ALA A 116 -2.70 22.11 7.37
N ALA A 117 -3.37 23.13 6.84
CA ALA A 117 -4.63 22.96 6.10
C ALA A 117 -4.37 22.52 4.65
N PRO A 118 -5.40 21.97 3.98
CA PRO A 118 -5.24 21.52 2.60
C PRO A 118 -5.33 22.63 1.54
N THR A 119 -4.96 22.28 0.32
CA THR A 119 -5.03 23.17 -0.82
C THR A 119 -6.01 22.54 -1.84
N VAL A 120 -7.29 22.63 -1.53
CA VAL A 120 -8.35 22.08 -2.36
C VAL A 120 -8.40 22.70 -3.76
N SER A 121 -8.66 21.88 -4.75
CA SER A 121 -8.75 22.30 -6.14
C SER A 121 -9.82 21.38 -6.71
N ILE A 122 -10.65 21.91 -7.58
CA ILE A 122 -11.74 21.15 -8.15
C ILE A 122 -11.71 21.24 -9.70
N PHE A 123 -11.79 20.08 -10.36
CA PHE A 123 -11.72 20.02 -11.82
C PHE A 123 -12.91 19.28 -12.43
N PRO A 124 -13.62 19.92 -13.38
CA PRO A 124 -14.77 19.28 -14.03
C PRO A 124 -14.21 18.23 -15.00
N PRO A 125 -15.07 17.36 -15.53
CA PRO A 125 -14.58 16.36 -16.47
C PRO A 125 -14.01 17.03 -17.73
N SER A 126 -13.17 16.34 -18.49
CA SER A 126 -12.61 16.90 -19.72
C SER A 126 -13.59 16.68 -20.89
N SER A 127 -13.30 17.32 -22.00
CA SER A 127 -14.13 17.18 -23.20
C SER A 127 -14.17 15.71 -23.69
N GLU A 128 -12.99 15.12 -23.95
CA GLU A 128 -12.88 13.73 -24.45
C GLU A 128 -13.50 12.67 -23.55
N GLN A 129 -13.15 12.64 -22.26
CA GLN A 129 -13.79 11.65 -21.42
C GLN A 129 -15.29 11.86 -21.55
N LEU A 130 -15.68 13.14 -21.64
CA LEU A 130 -17.09 13.51 -21.76
C LEU A 130 -17.73 13.04 -23.04
N THR A 131 -16.95 12.87 -24.12
CA THR A 131 -17.53 12.36 -25.36
C THR A 131 -17.72 10.87 -25.06
N SER A 132 -16.62 10.23 -24.65
CA SER A 132 -16.58 8.82 -24.29
C SER A 132 -17.82 8.42 -23.51
N GLY A 133 -18.40 9.41 -22.82
CA GLY A 133 -19.61 9.18 -22.09
C GLY A 133 -19.45 9.27 -20.60
N GLY A 134 -18.31 8.84 -20.08
CA GLY A 134 -18.13 8.90 -18.63
C GLY A 134 -17.93 10.33 -18.22
N ALA A 135 -18.05 10.60 -16.92
CA ALA A 135 -17.80 11.94 -16.43
C ALA A 135 -17.18 11.81 -15.05
N SER A 136 -15.94 12.28 -14.92
CA SER A 136 -15.22 12.22 -13.65
C SER A 136 -14.81 13.59 -13.17
N VAL A 137 -15.37 13.98 -12.03
CA VAL A 137 -15.10 15.26 -11.41
C VAL A 137 -14.11 14.95 -10.29
N VAL A 138 -12.90 15.50 -10.40
CA VAL A 138 -11.84 15.27 -9.43
C VAL A 138 -11.57 16.42 -8.48
N CYS A 139 -11.12 16.09 -7.28
CA CYS A 139 -10.80 17.11 -6.27
C CYS A 139 -9.49 16.72 -5.54
N PHE A 140 -8.46 17.55 -5.65
CA PHE A 140 -7.22 17.27 -4.96
C PHE A 140 -7.30 18.06 -3.69
N LEU A 141 -6.91 17.48 -2.56
CA LEU A 141 -6.94 18.16 -1.26
C LEU A 141 -5.53 18.24 -0.71
N ASN A 142 -4.56 18.15 -1.61
CA ASN A 142 -3.12 18.18 -1.35
C ASN A 142 -2.49 18.92 -0.14
N ASN A 143 -1.37 18.36 0.32
CA ASN A 143 -0.56 18.95 1.39
C ASN A 143 -1.06 19.22 2.78
N PHE A 144 -2.21 18.68 3.16
CA PHE A 144 -2.69 18.90 4.53
C PHE A 144 -1.87 18.05 5.49
N TYR A 145 -2.21 18.15 6.77
CA TYR A 145 -1.55 17.40 7.85
C TYR A 145 -2.25 17.85 9.13
N PRO A 146 -2.68 16.91 10.00
CA PRO A 146 -2.62 15.45 9.97
C PRO A 146 -3.35 14.81 8.80
N LYS A 147 -3.14 13.51 8.63
CA LYS A 147 -3.72 12.72 7.56
C LYS A 147 -5.24 12.61 7.64
N ASP A 148 -5.79 12.73 8.85
CA ASP A 148 -7.25 12.68 9.02
C ASP A 148 -7.85 13.88 8.28
N ILE A 149 -8.86 13.64 7.46
CA ILE A 149 -9.51 14.71 6.70
C ILE A 149 -10.67 14.04 5.96
N ASN A 150 -11.76 14.76 5.75
CA ASN A 150 -12.86 14.13 5.06
C ASN A 150 -13.53 15.02 4.02
N VAL A 151 -13.56 14.54 2.78
CA VAL A 151 -14.17 15.29 1.70
C VAL A 151 -15.56 14.73 1.34
N LYS A 152 -16.52 15.65 1.21
CA LYS A 152 -17.91 15.35 0.87
C LYS A 152 -18.28 15.96 -0.47
N TRP A 153 -18.93 15.19 -1.34
CA TRP A 153 -19.37 15.72 -2.63
C TRP A 153 -20.83 16.14 -2.48
N LYS A 154 -21.18 17.23 -3.14
CA LYS A 154 -22.53 17.75 -3.06
C LYS A 154 -23.01 18.24 -4.40
N ILE A 155 -23.84 17.45 -5.05
CA ILE A 155 -24.38 17.85 -6.32
C ILE A 155 -25.64 18.66 -6.09
N ASP A 156 -25.73 19.80 -6.74
CA ASP A 156 -26.88 20.69 -6.60
C ASP A 156 -27.39 20.96 -5.15
N GLY A 157 -26.45 21.04 -4.22
CA GLY A 157 -26.79 21.30 -2.83
C GLY A 157 -26.85 19.99 -2.08
N SER A 158 -27.23 18.96 -2.81
CA SER A 158 -27.39 17.61 -2.28
C SER A 158 -26.08 16.88 -2.18
N GLU A 159 -25.90 16.13 -1.10
CA GLU A 159 -24.68 15.34 -0.88
C GLU A 159 -24.68 14.03 -1.67
N ARG A 160 -23.63 13.83 -2.45
CA ARG A 160 -23.54 12.64 -3.25
C ARG A 160 -22.68 11.60 -2.55
N GLN A 161 -23.40 10.67 -1.95
CA GLN A 161 -22.85 9.56 -1.20
C GLN A 161 -22.08 8.53 -2.02
N ASN A 162 -22.54 8.19 -3.21
CA ASN A 162 -21.86 7.17 -3.99
C ASN A 162 -21.40 7.55 -5.39
N GLY A 163 -20.32 6.89 -5.83
CA GLY A 163 -19.73 7.14 -7.12
C GLY A 163 -18.29 7.59 -6.96
N VAL A 164 -17.91 7.93 -5.72
CA VAL A 164 -16.56 8.40 -5.42
C VAL A 164 -15.56 7.34 -5.06
N LEU A 165 -14.36 7.43 -5.63
CA LEU A 165 -13.28 6.52 -5.29
C LEU A 165 -12.20 7.47 -4.84
N ASN A 166 -11.66 7.26 -3.63
CA ASN A 166 -10.61 8.10 -3.04
C ASN A 166 -9.27 7.42 -3.19
N SER A 167 -8.17 8.15 -3.02
CA SER A 167 -6.85 7.54 -3.11
C SER A 167 -5.82 8.40 -2.41
N TRP A 168 -5.20 7.85 -1.36
CA TRP A 168 -4.25 8.56 -0.53
C TRP A 168 -2.73 8.46 -0.76
N THR A 169 -2.08 9.61 -0.64
CA THR A 169 -0.62 9.68 -0.76
C THR A 169 -0.11 9.22 0.61
N ASP A 170 1.15 8.80 0.70
CA ASP A 170 1.72 8.41 1.98
C ASP A 170 2.39 9.68 2.45
N GLN A 171 3.02 9.66 3.61
CA GLN A 171 3.65 10.87 4.10
C GLN A 171 4.55 11.44 3.04
N ASP A 172 4.17 12.60 2.53
CA ASP A 172 4.96 13.30 1.54
C ASP A 172 6.41 13.30 2.03
N SER A 173 7.35 12.93 1.17
CA SER A 173 8.74 12.86 1.58
C SER A 173 9.44 14.21 1.78
N LYS A 174 9.21 15.13 0.85
CA LYS A 174 9.86 16.42 0.93
C LYS A 174 9.52 17.21 2.19
N ASP A 175 8.33 16.99 2.72
CA ASP A 175 7.92 17.74 3.90
C ASP A 175 7.11 17.05 4.98
N SER A 176 6.94 15.73 4.92
CA SER A 176 6.17 14.99 5.94
C SER A 176 4.62 15.19 5.92
N THR A 177 4.13 15.91 4.93
CA THR A 177 2.72 16.13 4.84
C THR A 177 2.06 14.94 4.17
N TYR A 178 0.78 15.10 3.85
CA TYR A 178 -0.04 14.09 3.20
C TYR A 178 -0.86 14.84 2.12
N SER A 179 -1.36 14.10 1.14
CA SER A 179 -2.17 14.67 0.07
C SER A 179 -3.19 13.63 -0.34
N MET A 180 -4.22 14.00 -1.09
CA MET A 180 -5.29 13.04 -1.43
C MET A 180 -6.23 13.46 -2.55
N SER A 181 -6.72 12.50 -3.34
CA SER A 181 -7.67 12.84 -4.38
C SER A 181 -8.99 12.11 -4.16
N SER A 182 -10.07 12.80 -4.46
CA SER A 182 -11.43 12.33 -4.31
C SER A 182 -12.09 12.57 -5.68
N THR A 183 -12.47 11.46 -6.33
CA THR A 183 -13.07 11.47 -7.66
C THR A 183 -14.46 10.89 -7.66
N LEU A 184 -15.43 11.68 -8.11
CA LEU A 184 -16.84 11.30 -8.25
C LEU A 184 -17.07 10.97 -9.73
N THR A 185 -17.66 9.83 -10.02
CA THR A 185 -17.87 9.46 -11.41
C THR A 185 -19.27 9.04 -11.80
N LEU A 186 -19.94 9.97 -12.46
CA LEU A 186 -21.28 9.72 -12.96
C LEU A 186 -21.03 9.38 -14.44
N THR A 187 -22.11 9.15 -15.17
CA THR A 187 -22.04 8.89 -16.61
C THR A 187 -22.36 10.27 -17.23
N LYS A 188 -22.14 10.42 -18.53
CA LYS A 188 -22.40 11.69 -19.18
C LYS A 188 -23.82 12.12 -18.85
N ASP A 189 -24.75 11.19 -18.93
CA ASP A 189 -26.13 11.52 -18.65
C ASP A 189 -26.36 11.96 -17.22
N GLU A 190 -25.73 11.31 -16.26
CA GLU A 190 -25.91 11.74 -14.90
C GLU A 190 -25.33 13.14 -14.75
N TYR A 191 -24.04 13.29 -15.00
CA TYR A 191 -23.35 14.58 -14.88
C TYR A 191 -24.14 15.71 -15.53
N GLU A 192 -24.61 15.41 -16.73
CA GLU A 192 -25.40 16.31 -17.54
C GLU A 192 -26.58 16.89 -16.73
N ARG A 193 -27.39 16.04 -16.10
CA ARG A 193 -28.55 16.49 -15.32
C ARG A 193 -28.30 17.45 -14.17
N HIS A 194 -27.07 17.94 -13.98
CA HIS A 194 -26.84 18.86 -12.87
C HIS A 194 -26.15 20.18 -13.16
N ASN A 195 -26.08 21.00 -12.12
CA ASN A 195 -25.47 22.33 -12.19
C ASN A 195 -24.22 22.50 -11.33
N SER A 196 -24.41 22.44 -10.02
CA SER A 196 -23.31 22.65 -9.08
C SER A 196 -22.61 21.42 -8.49
N TYR A 197 -21.29 21.48 -8.41
CA TYR A 197 -20.56 20.36 -7.81
C TYR A 197 -19.58 20.88 -6.77
N THR A 198 -19.80 20.55 -5.50
CA THR A 198 -18.95 21.01 -4.42
C THR A 198 -18.22 19.85 -3.79
N CYS A 199 -17.02 20.17 -3.30
CA CYS A 199 -16.10 19.24 -2.66
C CYS A 199 -15.61 19.91 -1.36
N GLU A 200 -16.27 19.62 -0.24
CA GLU A 200 -15.94 20.20 1.07
C GLU A 200 -14.85 19.50 1.87
N ALA A 201 -13.69 20.13 1.99
CA ALA A 201 -12.60 19.57 2.76
C ALA A 201 -12.75 19.94 4.22
N THR A 202 -12.84 18.96 5.09
CA THR A 202 -12.96 19.22 6.52
C THR A 202 -11.78 18.64 7.28
N HIS A 203 -10.83 19.52 7.59
CA HIS A 203 -9.62 19.21 8.31
C HIS A 203 -9.74 19.80 9.71
N LYS A 204 -9.15 19.11 10.68
CA LYS A 204 -9.13 19.51 12.08
C LYS A 204 -8.51 20.90 12.32
N THR A 205 -7.90 21.47 11.29
CA THR A 205 -7.32 22.80 11.38
C THR A 205 -8.40 23.89 11.25
N SER A 206 -9.67 23.49 11.18
CA SER A 206 -10.79 24.43 11.03
C SER A 206 -12.08 23.89 11.62
N THR A 207 -13.13 24.71 11.51
CA THR A 207 -14.46 24.40 12.00
C THR A 207 -15.36 24.34 10.79
N SER A 208 -15.25 25.38 9.97
CA SER A 208 -16.00 25.54 8.73
C SER A 208 -15.24 24.90 7.57
N PRO A 209 -15.72 23.77 7.04
CA PRO A 209 -15.03 23.12 5.93
C PRO A 209 -14.71 23.98 4.74
N ILE A 210 -13.54 23.73 4.18
CA ILE A 210 -13.03 24.41 3.00
C ILE A 210 -13.85 23.91 1.81
N VAL A 211 -14.50 24.84 1.11
CA VAL A 211 -15.39 24.55 -0.02
C VAL A 211 -14.94 25.09 -1.39
N LYS A 212 -15.13 24.28 -2.42
CA LYS A 212 -14.84 24.70 -3.78
C LYS A 212 -15.91 24.03 -4.66
N SER A 213 -16.20 24.62 -5.81
CA SER A 213 -17.25 24.09 -6.68
C SER A 213 -17.19 24.57 -8.14
N PHE A 214 -18.28 24.35 -8.88
CA PHE A 214 -18.38 24.76 -10.26
C PHE A 214 -19.76 24.40 -10.81
N ASN A 215 -20.22 25.16 -11.80
CA ASN A 215 -21.51 24.92 -12.43
C ASN A 215 -21.13 24.42 -13.82
N ARG A 216 -22.09 24.38 -14.75
CA ARG A 216 -21.83 23.92 -16.12
C ARG A 216 -22.54 24.82 -17.12
N GLN B 1 24.62 -15.34 4.79
CA GLN B 1 24.69 -15.38 3.31
C GLN B 1 23.51 -16.20 2.86
N ILE B 2 22.73 -16.65 3.82
CA ILE B 2 21.56 -17.45 3.50
C ILE B 2 20.64 -16.52 2.75
N GLN B 3 20.22 -16.92 1.55
CA GLN B 3 19.31 -16.11 0.72
C GLN B 3 18.08 -16.94 0.30
N LEU B 4 16.96 -16.28 0.02
CA LEU B 4 15.74 -16.98 -0.39
C LEU B 4 15.08 -16.25 -1.55
N GLN B 5 15.79 -16.25 -2.67
CA GLN B 5 15.36 -15.59 -3.89
C GLN B 5 14.09 -16.24 -4.49
N GLN B 6 13.08 -15.40 -4.70
CA GLN B 6 11.79 -15.82 -5.22
C GLN B 6 11.61 -15.39 -6.65
N SER B 7 10.45 -15.77 -7.19
CA SER B 7 10.03 -15.47 -8.56
C SER B 7 9.48 -14.05 -8.83
N GLY B 8 9.46 -13.64 -10.11
CA GLY B 8 8.96 -12.33 -10.51
C GLY B 8 7.43 -12.27 -10.45
N PRO B 9 6.79 -11.09 -10.70
CA PRO B 9 5.33 -10.86 -10.68
C PRO B 9 4.50 -11.71 -11.64
N GLU B 10 3.23 -11.90 -11.31
CA GLU B 10 2.35 -12.75 -12.10
C GLU B 10 0.95 -12.18 -12.23
N LEU B 11 0.59 -11.77 -13.45
CA LEU B 11 -0.73 -11.19 -13.72
C LEU B 11 -1.76 -12.27 -14.15
N LYS B 12 -2.20 -13.09 -13.21
CA LYS B 12 -3.16 -14.14 -13.53
C LYS B 12 -4.63 -13.68 -13.61
N LYS B 13 -5.52 -14.56 -14.06
CA LYS B 13 -6.97 -14.26 -14.20
C LYS B 13 -7.85 -15.26 -13.38
N PRO B 14 -8.99 -14.80 -12.79
CA PRO B 14 -9.85 -15.71 -12.02
C PRO B 14 -9.99 -17.08 -12.67
N GLY B 15 -9.60 -18.09 -11.89
CA GLY B 15 -9.69 -19.47 -12.33
C GLY B 15 -8.36 -20.09 -12.70
N GLU B 16 -7.52 -19.32 -13.39
CA GLU B 16 -6.22 -19.82 -13.80
C GLU B 16 -5.47 -20.41 -12.59
N THR B 17 -4.44 -21.20 -12.85
CA THR B 17 -3.65 -21.81 -11.79
C THR B 17 -2.26 -21.21 -11.84
N VAL B 18 -1.60 -21.12 -10.70
CA VAL B 18 -0.26 -20.52 -10.67
C VAL B 18 0.62 -21.26 -9.71
N LYS B 19 1.87 -21.48 -10.12
CA LYS B 19 2.87 -22.12 -9.29
C LYS B 19 3.94 -21.02 -9.09
N ILE B 20 4.51 -20.93 -7.89
CA ILE B 20 5.51 -19.89 -7.58
C ILE B 20 6.77 -20.50 -6.91
N SER B 21 7.95 -20.04 -7.29
CA SER B 21 9.18 -20.61 -6.75
C SER B 21 9.83 -19.80 -5.65
N CYS B 22 10.74 -20.46 -4.95
CA CYS B 22 11.48 -19.87 -3.84
C CYS B 22 12.77 -20.65 -3.72
N LYS B 23 13.80 -20.17 -4.40
CA LYS B 23 15.10 -20.82 -4.39
C LYS B 23 15.86 -20.57 -3.08
N ALA B 24 16.37 -21.63 -2.45
CA ALA B 24 17.10 -21.50 -1.20
C ALA B 24 18.63 -21.52 -1.33
N THR B 25 19.28 -20.48 -0.82
CA THR B 25 20.74 -20.40 -0.92
C THR B 25 21.45 -20.50 0.43
N ASN B 26 22.67 -21.03 0.37
CA ASN B 26 23.61 -21.17 1.49
C ASN B 26 23.22 -21.81 2.79
N TYR B 27 22.66 -23.01 2.71
CA TYR B 27 22.27 -23.77 3.88
C TYR B 27 21.70 -25.11 3.44
N ALA B 28 21.53 -26.01 4.40
CA ALA B 28 20.99 -27.32 4.11
C ALA B 28 19.48 -27.21 3.88
N PHE B 29 19.08 -26.93 2.65
CA PHE B 29 17.67 -26.77 2.25
C PHE B 29 16.69 -27.83 2.76
N THR B 30 17.17 -29.03 3.04
CA THR B 30 16.30 -30.07 3.51
C THR B 30 16.28 -30.29 5.02
N ASP B 31 17.01 -29.43 5.74
CA ASP B 31 17.07 -29.51 7.18
C ASP B 31 16.28 -28.40 7.88
N TYR B 32 15.52 -27.65 7.10
CA TYR B 32 14.69 -26.58 7.64
C TYR B 32 13.46 -26.48 6.76
N SER B 33 12.28 -26.63 7.33
CA SER B 33 11.10 -26.55 6.51
C SER B 33 10.87 -25.11 6.11
N MET B 34 10.33 -24.94 4.91
CA MET B 34 10.02 -23.64 4.34
C MET B 34 8.62 -23.20 4.77
N HIS B 35 8.45 -21.89 4.87
CA HIS B 35 7.17 -21.30 5.25
C HIS B 35 6.74 -20.28 4.20
N TRP B 36 5.42 -20.11 4.08
CA TRP B 36 4.85 -19.17 3.13
C TRP B 36 3.90 -18.22 3.82
N VAL B 37 4.05 -16.92 3.62
CA VAL B 37 3.15 -15.98 4.27
C VAL B 37 2.44 -15.16 3.20
N LYS B 38 1.23 -14.73 3.51
CA LYS B 38 0.47 -13.96 2.56
C LYS B 38 0.33 -12.54 3.07
N GLN B 39 0.44 -11.59 2.18
CA GLN B 39 0.30 -10.22 2.58
C GLN B 39 -0.63 -9.48 1.62
N ALA B 40 -1.91 -9.33 1.97
CA ALA B 40 -2.85 -8.65 1.08
C ALA B 40 -2.44 -7.20 0.91
N PRO B 41 -2.74 -6.57 -0.25
CA PRO B 41 -2.35 -5.17 -0.46
C PRO B 41 -2.67 -4.21 0.68
N GLY B 42 -1.62 -3.51 1.10
CA GLY B 42 -1.76 -2.60 2.20
C GLY B 42 -2.05 -3.39 3.46
N GLY B 43 -0.99 -3.96 4.01
CA GLY B 43 -1.09 -4.69 5.27
C GLY B 43 -1.26 -6.19 5.33
N ASP B 44 -2.46 -6.63 5.69
CA ASP B 44 -2.82 -8.04 5.84
C ASP B 44 -1.62 -8.99 5.76
N LEU B 45 -0.95 -9.23 6.90
CA LEU B 45 0.19 -10.19 6.96
C LEU B 45 -0.32 -11.50 7.55
N LYS B 46 -0.77 -12.41 6.69
CA LYS B 46 -1.28 -13.72 7.11
C LYS B 46 -0.30 -14.89 6.87
N TYR B 47 -0.49 -15.98 7.59
CA TYR B 47 0.41 -17.12 7.45
C TYR B 47 -0.27 -18.27 6.67
N VAL B 48 0.33 -18.64 5.53
CA VAL B 48 -0.17 -19.70 4.62
C VAL B 48 0.07 -21.12 5.11
N GLY B 49 1.29 -21.41 5.52
CA GLY B 49 1.60 -22.73 6.01
C GLY B 49 3.06 -23.05 5.85
N TRP B 50 3.39 -24.34 5.85
CA TRP B 50 4.75 -24.80 5.69
C TRP B 50 4.74 -26.19 5.08
N ILE B 51 5.90 -26.61 4.58
CA ILE B 51 6.08 -27.93 3.99
C ILE B 51 7.39 -28.49 4.56
N ASN B 52 7.35 -29.76 4.97
CA ASN B 52 8.51 -30.39 5.55
C ASN B 52 9.37 -30.70 4.36
N THR B 53 10.53 -30.07 4.29
CA THR B 53 11.43 -30.29 3.16
C THR B 53 11.98 -31.73 3.08
N GLU B 54 11.86 -32.47 4.18
CA GLU B 54 12.34 -33.85 4.27
C GLU B 54 11.32 -34.78 3.63
N THR B 55 10.13 -34.84 4.22
CA THR B 55 9.06 -35.70 3.75
C THR B 55 8.16 -35.08 2.71
N ASP B 56 8.22 -33.77 2.57
CA ASP B 56 7.38 -33.04 1.63
C ASP B 56 6.03 -32.87 2.28
N GLU B 57 5.88 -33.26 3.53
CA GLU B 57 4.56 -33.12 4.16
C GLU B 57 4.13 -31.71 4.51
N PRO B 58 3.17 -31.17 3.75
CA PRO B 58 2.61 -29.84 3.91
C PRO B 58 1.68 -29.69 5.10
N THR B 59 1.61 -28.47 5.64
CA THR B 59 0.77 -28.15 6.76
C THR B 59 0.16 -26.81 6.47
N PHE B 60 -1.19 -26.79 6.33
CA PHE B 60 -1.93 -25.59 6.03
C PHE B 60 -2.77 -25.04 7.17
N ALA B 61 -2.74 -23.71 7.30
CA ALA B 61 -3.53 -23.03 8.33
C ALA B 61 -4.95 -23.04 7.81
N ASP B 62 -5.84 -23.58 8.62
CA ASP B 62 -7.25 -23.72 8.32
C ASP B 62 -7.82 -23.06 7.07
N ASP B 63 -7.52 -21.78 6.84
CA ASP B 63 -8.03 -21.02 5.70
C ASP B 63 -7.41 -21.30 4.37
N PHE B 64 -6.13 -21.70 4.35
CA PHE B 64 -5.45 -22.01 3.09
C PHE B 64 -5.59 -23.50 2.89
N LYS B 65 -6.72 -24.03 3.36
CA LYS B 65 -7.02 -25.45 3.27
C LYS B 65 -7.99 -25.72 2.12
N GLY B 66 -7.69 -25.17 0.94
CA GLY B 66 -8.57 -25.37 -0.20
C GLY B 66 -7.89 -25.42 -1.56
N ARG B 67 -7.28 -24.34 -1.99
CA ARG B 67 -6.66 -24.36 -3.31
C ARG B 67 -5.13 -24.20 -3.30
N PHE B 68 -4.54 -24.12 -2.10
CA PHE B 68 -3.10 -23.99 -1.99
C PHE B 68 -2.33 -25.34 -2.01
N ALA B 69 -1.15 -25.36 -2.61
CA ALA B 69 -0.36 -26.58 -2.66
C ALA B 69 1.11 -26.27 -2.47
N PHE B 70 1.80 -27.14 -1.72
CA PHE B 70 3.22 -26.99 -1.42
C PHE B 70 3.94 -28.19 -1.99
N SER B 71 5.06 -27.94 -2.65
CA SER B 71 5.86 -28.99 -3.30
C SER B 71 7.32 -28.52 -3.41
N LEU B 72 8.26 -29.43 -3.71
CA LEU B 72 9.62 -28.97 -3.85
C LEU B 72 10.55 -29.79 -4.72
N ASP B 73 11.61 -29.15 -5.23
CA ASP B 73 12.63 -29.83 -6.02
C ASP B 73 13.92 -29.79 -5.22
N THR B 74 14.36 -30.94 -4.75
CA THR B 74 15.59 -31.01 -3.97
C THR B 74 16.82 -30.89 -4.85
N SER B 75 16.72 -31.33 -6.08
CA SER B 75 17.86 -31.24 -6.96
C SER B 75 18.04 -29.83 -7.52
N THR B 76 17.70 -28.84 -6.70
CA THR B 76 17.79 -27.41 -6.99
C THR B 76 17.65 -26.65 -5.67
N SER B 77 16.91 -27.23 -4.75
CA SER B 77 16.62 -26.61 -3.46
C SER B 77 15.62 -25.46 -3.68
N THR B 78 14.45 -25.81 -4.20
CA THR B 78 13.44 -24.83 -4.47
C THR B 78 12.09 -25.30 -4.01
N ALA B 79 11.44 -24.46 -3.22
CA ALA B 79 10.10 -24.75 -2.70
C ALA B 79 9.14 -24.10 -3.69
N PHE B 80 7.88 -24.51 -3.62
CA PHE B 80 6.87 -23.93 -4.49
C PHE B 80 5.56 -23.77 -3.75
N LEU B 81 4.81 -22.73 -4.12
CA LEU B 81 3.48 -22.45 -3.54
C LEU B 81 2.59 -22.36 -4.76
N GLN B 82 1.58 -23.19 -4.82
CA GLN B 82 0.71 -23.08 -5.96
C GLN B 82 -0.68 -22.78 -5.45
N ILE B 83 -1.46 -22.13 -6.31
CA ILE B 83 -2.82 -21.74 -5.98
C ILE B 83 -3.75 -22.12 -7.14
N ASN B 84 -4.87 -22.76 -6.81
CA ASN B 84 -5.83 -23.17 -7.83
C ASN B 84 -7.14 -22.39 -7.78
N ASN B 85 -8.00 -22.65 -8.77
CA ASN B 85 -9.33 -22.06 -8.91
C ASN B 85 -9.30 -20.56 -8.68
N LEU B 86 -8.11 -19.97 -8.80
CA LEU B 86 -7.80 -18.53 -8.58
C LEU B 86 -8.91 -17.49 -8.44
N LYS B 87 -9.03 -16.91 -7.24
CA LYS B 87 -10.00 -15.88 -6.94
C LYS B 87 -9.34 -14.50 -6.92
N ASN B 88 -10.17 -13.46 -6.87
CA ASN B 88 -9.71 -12.08 -6.84
C ASN B 88 -9.01 -11.85 -5.52
N GLU B 89 -9.64 -12.26 -4.43
CA GLU B 89 -9.07 -12.07 -3.10
C GLU B 89 -7.63 -12.52 -2.97
N ASP B 90 -7.23 -13.49 -3.79
CA ASP B 90 -5.89 -14.03 -3.73
C ASP B 90 -4.78 -13.06 -4.02
N THR B 91 -5.09 -12.02 -4.79
CA THR B 91 -4.06 -11.04 -5.13
C THR B 91 -3.41 -10.49 -3.84
N ALA B 92 -2.09 -10.53 -3.83
CA ALA B 92 -1.30 -10.09 -2.68
C ALA B 92 0.11 -10.52 -2.96
N THR B 93 0.94 -10.45 -1.92
CA THR B 93 2.37 -10.79 -2.03
C THR B 93 2.78 -11.97 -1.14
N TYR B 94 3.25 -13.05 -1.74
CA TYR B 94 3.62 -14.24 -0.96
C TYR B 94 5.11 -14.39 -0.67
N PHE B 95 5.49 -14.57 0.61
CA PHE B 95 6.90 -14.72 0.99
C PHE B 95 7.22 -16.08 1.61
N CYS B 96 8.37 -16.64 1.28
CA CYS B 96 8.78 -17.92 1.84
C CYS B 96 9.76 -17.58 2.95
N VAL B 97 9.62 -18.20 4.12
CA VAL B 97 10.53 -17.91 5.21
C VAL B 97 11.09 -19.19 5.84
N ARG B 98 11.94 -18.99 6.84
CA ARG B 98 12.52 -20.10 7.57
C ARG B 98 13.10 -19.66 8.92
N ASP B 99 13.30 -20.65 9.81
CA ASP B 99 13.80 -20.44 11.17
C ASP B 99 15.31 -20.66 11.32
N ARG B 100 15.75 -21.02 12.52
CA ARG B 100 17.18 -21.20 12.85
C ARG B 100 17.38 -22.39 13.83
N HIS B 101 16.55 -23.43 13.67
CA HIS B 101 16.49 -24.64 14.49
C HIS B 101 16.21 -24.31 15.92
N ASP B 102 15.17 -23.49 16.10
CA ASP B 102 14.69 -23.14 17.41
C ASP B 102 13.43 -23.95 17.19
N TYR B 103 12.89 -24.59 18.21
CA TYR B 103 11.72 -25.36 17.92
C TYR B 103 10.55 -24.39 17.74
N GLY B 104 10.41 -23.48 18.70
CA GLY B 104 9.31 -22.50 18.62
C GLY B 104 9.75 -21.65 17.45
N GLU B 105 8.80 -21.09 16.71
CA GLU B 105 9.09 -20.31 15.50
C GLU B 105 9.60 -18.87 15.63
N ILE B 106 10.53 -18.57 14.72
CA ILE B 106 11.17 -17.27 14.58
C ILE B 106 11.54 -17.01 13.10
N PHE B 107 10.54 -16.69 12.27
CA PHE B 107 10.76 -16.41 10.83
C PHE B 107 11.94 -15.45 10.67
N THR B 108 13.14 -15.98 10.51
CA THR B 108 14.30 -15.12 10.38
C THR B 108 14.67 -14.69 8.98
N TYR B 109 14.74 -15.63 8.06
CA TYR B 109 15.13 -15.27 6.71
C TYR B 109 13.88 -15.38 5.87
N TRP B 110 13.50 -14.28 5.21
CA TRP B 110 12.32 -14.18 4.32
C TRP B 110 12.71 -14.03 2.88
N GLY B 111 11.72 -14.24 2.01
CA GLY B 111 11.90 -14.09 0.57
C GLY B 111 11.61 -12.63 0.27
N GLN B 112 11.96 -12.13 -0.91
CA GLN B 112 11.65 -10.71 -1.20
C GLN B 112 10.19 -10.52 -1.49
N GLY B 113 9.54 -11.62 -1.91
CA GLY B 113 8.12 -11.60 -2.20
C GLY B 113 7.85 -11.67 -3.67
N THR B 114 6.73 -12.30 -4.00
CA THR B 114 6.34 -12.40 -5.39
C THR B 114 4.87 -12.08 -5.31
N THR B 115 4.46 -11.04 -6.05
CA THR B 115 3.07 -10.59 -6.04
C THR B 115 2.32 -11.43 -7.01
N VAL B 116 1.10 -11.82 -6.66
CA VAL B 116 0.29 -12.52 -7.63
C VAL B 116 -0.90 -11.57 -7.77
N THR B 117 -1.22 -11.20 -9.00
CA THR B 117 -2.34 -10.31 -9.29
C THR B 117 -3.43 -11.01 -10.07
N VAL B 118 -4.66 -10.85 -9.59
CA VAL B 118 -5.81 -11.47 -10.20
C VAL B 118 -6.71 -10.37 -10.74
N SER B 119 -7.07 -10.49 -12.01
CA SER B 119 -7.93 -9.50 -12.66
C SER B 119 -8.32 -10.00 -14.04
N SER B 120 -9.60 -9.81 -14.36
CA SER B 120 -10.19 -10.22 -15.63
C SER B 120 -9.49 -9.46 -16.75
N ALA B 121 -9.18 -8.20 -16.46
CA ALA B 121 -8.53 -7.32 -17.41
C ALA B 121 -7.36 -7.97 -18.14
N LYS B 122 -7.26 -7.66 -19.43
CA LYS B 122 -6.17 -8.12 -20.28
C LYS B 122 -5.45 -6.77 -20.58
N THR B 123 -4.11 -6.74 -20.52
CA THR B 123 -3.30 -5.54 -20.71
C THR B 123 -3.94 -4.49 -21.58
N THR B 124 -4.48 -3.49 -20.90
CA THR B 124 -5.18 -2.40 -21.51
C THR B 124 -4.53 -1.09 -21.10
N PRO B 125 -4.19 -0.24 -22.08
CA PRO B 125 -3.54 1.07 -21.90
C PRO B 125 -4.51 2.15 -21.36
N PRO B 126 -3.99 3.05 -20.54
CA PRO B 126 -4.76 4.15 -19.93
C PRO B 126 -5.25 5.18 -20.92
N SER B 127 -6.39 5.81 -20.62
CA SER B 127 -6.88 6.87 -21.51
C SER B 127 -6.46 8.13 -20.78
N VAL B 128 -5.80 9.08 -21.40
CA VAL B 128 -5.44 10.25 -20.61
C VAL B 128 -6.36 11.45 -20.79
N TYR B 129 -6.75 12.09 -19.68
CA TYR B 129 -7.64 13.27 -19.68
C TYR B 129 -6.96 14.37 -18.90
N PRO B 130 -6.90 15.60 -19.47
CA PRO B 130 -6.28 16.77 -18.83
C PRO B 130 -7.21 17.46 -17.86
N LEU B 131 -6.70 17.71 -16.66
CA LEU B 131 -7.45 18.34 -15.59
C LEU B 131 -7.15 19.83 -15.55
N ALA B 132 -7.61 20.55 -16.56
CA ALA B 132 -7.43 22.00 -16.65
C ALA B 132 -8.35 22.66 -15.60
N PRO B 133 -7.94 23.76 -14.98
CA PRO B 133 -8.82 24.39 -13.99
C PRO B 133 -10.17 24.74 -14.56
N GLY B 134 -11.21 24.45 -13.79
CA GLY B 134 -12.56 24.73 -14.24
C GLY B 134 -13.19 25.79 -13.35
N SER B 135 -13.35 25.46 -12.07
CA SER B 135 -13.93 26.36 -11.05
C SER B 135 -14.89 27.45 -11.58
N SER C 1 -0.15 33.54 -5.86
CA SER C 1 -0.92 32.85 -6.95
C SER C 1 -0.25 31.62 -7.61
N MET C 2 -0.83 30.46 -7.33
CA MET C 2 -0.38 29.15 -7.81
C MET C 2 -1.47 28.46 -8.61
N VAL C 3 -1.10 27.75 -9.67
CA VAL C 3 -2.05 27.04 -10.52
C VAL C 3 -1.84 25.53 -10.45
N THR C 4 -2.87 24.83 -9.98
CA THR C 4 -2.87 23.38 -9.88
C THR C 4 -3.57 22.81 -11.09
N LEU C 5 -2.82 22.10 -11.94
CA LEU C 5 -3.41 21.42 -13.09
C LEU C 5 -3.43 19.97 -12.61
N GLY C 6 -3.95 19.07 -13.42
CA GLY C 6 -3.99 17.68 -13.02
C GLY C 6 -3.99 16.80 -14.25
N CYS C 7 -4.15 15.49 -14.07
CA CYS C 7 -4.13 14.60 -15.22
C CYS C 7 -4.84 13.34 -14.86
N LEU C 8 -5.95 13.04 -15.50
CA LEU C 8 -6.69 11.83 -15.20
C LEU C 8 -6.29 10.65 -16.09
N VAL C 9 -5.50 9.72 -15.51
CA VAL C 9 -5.01 8.52 -16.19
C VAL C 9 -6.05 7.50 -15.74
N LYS C 10 -6.75 6.91 -16.70
CA LYS C 10 -7.85 6.02 -16.36
C LYS C 10 -8.12 4.84 -17.27
N GLY C 11 -8.44 3.69 -16.66
CA GLY C 11 -8.76 2.48 -17.41
C GLY C 11 -7.63 1.62 -17.91
N TYR C 12 -6.47 1.69 -17.25
CA TYR C 12 -5.30 0.92 -17.66
C TYR C 12 -5.08 -0.33 -16.83
N PHE C 13 -4.35 -1.26 -17.41
CA PHE C 13 -4.00 -2.53 -16.76
C PHE C 13 -2.80 -3.08 -17.57
N PRO C 14 -1.81 -3.64 -16.89
CA PRO C 14 -1.76 -3.76 -15.44
C PRO C 14 -1.11 -2.49 -14.95
N GLU C 15 -0.05 -2.62 -14.17
CA GLU C 15 0.67 -1.45 -13.71
C GLU C 15 2.13 -1.50 -14.23
N PRO C 16 2.85 -0.42 -14.06
CA PRO C 16 2.43 0.83 -13.43
C PRO C 16 2.34 1.92 -14.51
N VAL C 17 2.17 3.17 -14.11
CA VAL C 17 2.11 4.27 -15.09
C VAL C 17 2.86 5.49 -14.58
N THR C 18 3.98 5.79 -15.20
CA THR C 18 4.77 6.92 -14.77
C THR C 18 4.25 8.26 -15.28
N VAL C 19 3.73 9.05 -14.37
CA VAL C 19 3.22 10.36 -14.73
C VAL C 19 4.33 11.34 -14.41
N THR C 20 4.78 12.05 -15.44
CA THR C 20 5.82 13.06 -15.35
C THR C 20 5.11 14.37 -15.79
N TRP C 21 5.75 15.51 -15.52
CA TRP C 21 5.18 16.78 -15.92
C TRP C 21 6.29 17.64 -16.49
N ASN C 22 6.08 18.16 -17.69
CA ASN C 22 7.06 19.02 -18.35
C ASN C 22 8.35 18.25 -18.56
N SER C 23 8.21 17.04 -19.11
CA SER C 23 9.33 16.13 -19.41
C SER C 23 10.26 15.87 -18.21
N GLY C 24 9.70 16.06 -17.01
CA GLY C 24 10.45 15.85 -15.81
C GLY C 24 11.00 17.15 -15.27
N SER C 25 10.62 18.28 -15.88
CA SER C 25 11.13 19.57 -15.41
C SER C 25 10.30 20.20 -14.30
N LEU C 26 9.17 19.61 -13.95
CA LEU C 26 8.36 20.12 -12.85
C LEU C 26 8.49 19.07 -11.75
N SER C 27 9.55 19.16 -10.93
CA SER C 27 9.78 18.19 -9.84
C SER C 27 9.33 18.79 -8.51
N SER C 28 8.69 19.94 -8.61
CA SER C 28 8.17 20.66 -7.46
C SER C 28 6.66 20.42 -7.49
N GLY C 29 6.02 20.47 -6.32
CA GLY C 29 4.57 20.30 -6.20
C GLY C 29 3.93 19.46 -7.27
N VAL C 30 4.27 18.18 -7.27
CA VAL C 30 3.74 17.19 -8.19
C VAL C 30 3.41 15.90 -7.39
N HIS C 31 2.15 15.47 -7.40
CA HIS C 31 1.79 14.26 -6.69
C HIS C 31 1.07 13.31 -7.62
N THR C 32 1.61 12.11 -7.77
CA THR C 32 0.96 11.09 -8.58
C THR C 32 0.39 10.21 -7.48
N PHE C 33 -0.92 10.01 -7.51
CA PHE C 33 -1.60 9.25 -6.47
C PHE C 33 -1.65 7.79 -6.75
N PRO C 34 -1.78 7.01 -5.68
CA PRO C 34 -1.85 5.56 -5.81
C PRO C 34 -3.09 5.07 -6.59
N ALA C 35 -2.86 4.15 -7.52
CA ALA C 35 -3.95 3.61 -8.30
C ALA C 35 -4.90 2.80 -7.42
N VAL C 36 -6.15 2.64 -7.86
CA VAL C 36 -7.13 1.81 -7.17
C VAL C 36 -7.73 0.90 -8.22
N LEU C 37 -8.98 0.52 -8.06
CA LEU C 37 -9.69 -0.32 -9.03
C LEU C 37 -11.13 0.22 -9.12
N GLN C 38 -11.44 0.90 -10.23
CA GLN C 38 -12.79 1.44 -10.47
C GLN C 38 -13.75 0.24 -10.55
N SER C 39 -13.16 -0.92 -10.86
CA SER C 39 -13.79 -2.24 -10.95
C SER C 39 -12.64 -3.15 -11.32
N ASP C 40 -12.42 -3.41 -12.60
CA ASP C 40 -11.32 -4.30 -12.97
C ASP C 40 -10.11 -3.67 -13.64
N LEU C 41 -10.10 -2.35 -13.70
CA LEU C 41 -8.98 -1.61 -14.28
C LEU C 41 -8.50 -0.61 -13.21
N TYR C 42 -7.26 -0.17 -13.34
CA TYR C 42 -6.68 0.79 -12.41
C TYR C 42 -6.85 2.24 -12.79
N THR C 43 -7.14 3.05 -11.80
CA THR C 43 -7.27 4.46 -12.05
C THR C 43 -6.33 5.18 -11.12
N LEU C 44 -5.75 6.27 -11.63
CA LEU C 44 -4.79 7.07 -10.92
C LEU C 44 -4.87 8.48 -11.46
N SER C 45 -4.28 9.41 -10.70
CA SER C 45 -4.25 10.83 -11.02
C SER C 45 -2.92 11.47 -10.60
N SER C 46 -2.71 12.71 -11.02
CA SER C 46 -1.47 13.40 -10.70
C SER C 46 -1.70 14.93 -10.73
N SER C 47 -1.08 15.63 -9.77
CA SER C 47 -1.23 17.08 -9.66
C SER C 47 0.09 17.84 -9.71
N VAL C 48 0.03 19.08 -10.17
CA VAL C 48 1.20 19.95 -10.26
C VAL C 48 0.71 21.40 -10.12
N THR C 49 1.07 22.06 -9.02
CA THR C 49 0.64 23.45 -8.84
C THR C 49 1.85 24.25 -9.30
N VAL C 50 1.69 24.89 -10.45
CA VAL C 50 2.77 25.70 -11.01
C VAL C 50 2.48 27.17 -10.74
N PRO C 51 3.46 28.06 -10.98
CA PRO C 51 3.16 29.48 -10.71
C PRO C 51 2.02 29.93 -11.65
N SER C 52 1.24 30.90 -11.22
CA SER C 52 0.17 31.35 -12.06
C SER C 52 0.72 31.84 -13.36
N SER C 53 1.59 32.84 -13.29
CA SER C 53 2.21 33.46 -14.49
C SER C 53 2.64 32.57 -15.67
N PRO C 54 3.52 31.57 -15.43
CA PRO C 54 4.00 30.70 -16.49
C PRO C 54 3.05 29.67 -17.12
N ARG C 55 2.14 29.10 -16.31
CA ARG C 55 1.24 28.08 -16.86
C ARG C 55 0.52 28.59 -18.10
N PRO C 56 -0.29 29.66 -17.96
CA PRO C 56 -1.02 30.22 -19.11
C PRO C 56 -0.04 30.60 -20.23
N SER C 57 1.14 31.08 -19.83
CA SER C 57 2.16 31.46 -20.76
C SER C 57 2.32 30.31 -21.74
N GLU C 58 2.63 29.12 -21.22
CA GLU C 58 2.77 27.92 -22.05
C GLU C 58 3.32 26.72 -21.30
N THR C 59 3.95 25.83 -22.05
CA THR C 59 4.60 24.60 -21.58
C THR C 59 4.11 23.91 -20.29
N VAL C 60 2.96 23.25 -20.38
CA VAL C 60 2.41 22.48 -19.24
C VAL C 60 1.75 21.20 -19.78
N THR C 61 2.55 20.16 -19.88
CA THR C 61 2.13 18.88 -20.40
C THR C 61 2.25 17.72 -19.40
N CYS C 62 1.22 16.87 -19.38
CA CYS C 62 1.17 15.71 -18.51
C CYS C 62 1.79 14.53 -19.26
N ASN C 63 2.72 13.82 -18.64
CA ASN C 63 3.41 12.71 -19.30
C ASN C 63 3.19 11.35 -18.65
N VAL C 64 2.23 10.54 -19.13
CA VAL C 64 2.07 9.22 -18.50
C VAL C 64 2.68 8.04 -19.33
N ALA C 65 3.55 7.24 -18.72
CA ALA C 65 4.17 6.08 -19.40
C ALA C 65 3.59 4.78 -18.83
N HIS C 66 3.13 3.88 -19.67
CA HIS C 66 2.56 2.64 -19.17
C HIS C 66 3.30 1.47 -19.84
N PRO C 67 4.45 1.09 -19.27
CA PRO C 67 5.41 0.03 -19.65
C PRO C 67 4.84 -1.19 -20.35
N ALA C 68 3.73 -1.74 -19.86
CA ALA C 68 3.10 -2.91 -20.47
C ALA C 68 2.66 -2.62 -21.89
N SER C 69 1.77 -1.65 -22.07
CA SER C 69 1.30 -1.32 -23.42
C SER C 69 2.44 -0.69 -24.25
N SER C 70 3.61 -0.53 -23.62
CA SER C 70 4.78 0.08 -24.27
C SER C 70 4.34 1.40 -24.88
N THR C 71 3.32 1.97 -24.22
CA THR C 71 2.68 3.21 -24.62
C THR C 71 3.17 4.39 -23.84
N LYS C 72 3.44 5.46 -24.56
CA LYS C 72 3.85 6.71 -23.96
C LYS C 72 2.80 7.64 -24.57
N VAL C 73 2.17 8.42 -23.72
CA VAL C 73 1.12 9.36 -24.11
C VAL C 73 1.22 10.50 -23.13
N ASP C 74 1.15 11.71 -23.66
CA ASP C 74 1.24 12.86 -22.81
C ASP C 74 0.31 13.93 -23.37
N LYS C 75 -0.33 14.69 -22.48
CA LYS C 75 -1.27 15.72 -22.90
C LYS C 75 -1.02 17.06 -22.28
N LYS C 76 -1.01 18.07 -23.14
CA LYS C 76 -0.83 19.43 -22.68
C LYS C 76 -2.19 19.91 -22.15
N ILE C 77 -2.16 20.74 -21.12
CA ILE C 77 -3.36 21.27 -20.52
C ILE C 77 -3.78 22.58 -21.21
N VAL C 78 -5.06 22.63 -21.59
CA VAL C 78 -5.64 23.80 -22.24
C VAL C 78 -6.85 24.28 -21.45
N PRO C 79 -6.95 25.61 -21.21
CA PRO C 79 -7.99 26.34 -20.48
C PRO C 79 -9.44 25.88 -20.65
N ARG C 80 -9.78 25.55 -21.90
CA ARG C 80 -11.13 25.14 -22.31
C ARG C 80 -11.99 26.39 -22.44
N ASP C 81 -11.84 27.30 -21.48
CA ASP C 81 -12.58 28.56 -21.47
C ASP C 81 -14.06 28.25 -21.46
N CYS C 82 -14.77 28.67 -22.50
CA CYS C 82 -16.20 28.42 -22.56
C CYS C 82 -16.70 28.17 -23.98
#